data_1B89
#
_entry.id   1B89
#
_cell.length_a   145.200
_cell.length_b   145.200
_cell.length_c   166.300
_cell.angle_alpha   90.00
_cell.angle_beta   90.00
_cell.angle_gamma   90.00
#
_symmetry.space_group_name_H-M   'I 41 2 2'
#
_entity_poly.entity_id   1
_entity_poly.type   'polypeptide(L)'
_entity_poly.pdbx_seq_one_letter_code
;KFDVNTSAVQVLIEHIGNLDRAYEFAERCNEPAVWSQLAKAQLQKGMVKEAIDSYIKADDPSSYMEVVQAANTSGNWEEL
VKYLQMARKKARESYVETELIFALAKTNRLAELEEFINGPNNAHIQQVGDRCYDEKMYDAAKLLYNNVSNFGRLASTLVH
LGEYQAAVDGARKANSTRTWKEVCFACVDGKEFRLAQ(MSE)CGLHIVVHADELEELINYYQDRGYFEELIT(MSE)LEA
ALGLERAH(MSE)G(MSE)FTELAILYSKFKPQK(MSE)REHLELFWSRVNIPKVLRAAEQAHLWAELVFLYDKYEEYDN
AIIT(MSE)(MSE)NHPTDAWKEGQFKDIITKVANVELYYRAIQFYLEFKPLLLNDLL(MSE)VLSPRLDHTRAVNYFSK
VKQLPLVKPYLRSVQNHNNKSVNESLNNLFITEEDYQALRTSIDAYDNFDNISLAQRLEKHELIEFRRIAAYLFKGNNRW
K
;
_entity_poly.pdbx_strand_id   A
#
# COMPACT_ATOMS: atom_id res chain seq x y z
N ARG A 109 -55.87 -28.95 -2.45
CA ARG A 109 -55.17 -28.22 -1.33
C ARG A 109 -55.49 -28.90 0.00
N LEU A 110 -56.61 -28.50 0.61
CA LEU A 110 -57.04 -29.09 1.88
C LEU A 110 -57.26 -30.57 1.60
N ALA A 111 -57.39 -30.89 0.31
CA ALA A 111 -57.61 -32.25 -0.19
C ALA A 111 -56.60 -33.25 0.40
N GLU A 112 -55.32 -32.85 0.44
CA GLU A 112 -54.26 -33.69 0.98
C GLU A 112 -53.84 -33.18 2.37
N LEU A 113 -54.24 -31.94 2.68
CA LEU A 113 -53.93 -31.29 3.96
C LEU A 113 -54.55 -32.01 5.16
N GLU A 114 -55.77 -32.51 4.98
CA GLU A 114 -56.44 -33.23 6.06
C GLU A 114 -56.39 -34.76 5.83
N GLU A 115 -55.65 -35.19 4.80
CA GLU A 115 -55.52 -36.62 4.49
C GLU A 115 -54.18 -37.18 4.96
N PHE A 116 -53.08 -36.55 4.54
CA PHE A 116 -51.74 -36.97 4.97
C PHE A 116 -51.59 -36.58 6.44
N ILE A 117 -52.29 -35.50 6.82
CA ILE A 117 -52.28 -35.01 8.18
C ILE A 117 -53.49 -35.60 8.91
N ASN A 118 -53.92 -36.79 8.46
CA ASN A 118 -55.07 -37.51 9.04
C ASN A 118 -54.61 -38.80 9.73
N GLY A 119 -53.72 -39.53 9.06
CA GLY A 119 -53.19 -40.78 9.59
C GLY A 119 -51.89 -41.20 8.88
N PRO A 120 -51.25 -42.24 9.43
CA PRO A 120 -50.01 -42.78 8.89
C PRO A 120 -50.34 -43.49 7.57
N ASN A 121 -51.38 -44.21 7.53
N MET A 137 -45.85 -32.17 -8.32
CA MET A 137 -46.69 -31.46 -7.30
C MET A 137 -45.85 -30.64 -6.30
N TYR A 138 -45.59 -29.38 -6.66
CA TYR A 138 -44.78 -28.48 -5.81
C TYR A 138 -45.57 -27.94 -4.63
N ASP A 139 -46.90 -27.88 -4.77
CA ASP A 139 -47.74 -27.36 -3.70
C ASP A 139 -48.20 -28.47 -2.75
N ALA A 140 -48.16 -29.71 -3.24
CA ALA A 140 -48.55 -30.85 -2.43
C ALA A 140 -47.36 -31.29 -1.57
N ALA A 141 -46.22 -31.53 -2.22
CA ALA A 141 -44.99 -31.95 -1.54
C ALA A 141 -44.55 -30.90 -0.51
N LYS A 142 -44.95 -29.66 -0.74
CA LYS A 142 -44.63 -28.56 0.16
C LYS A 142 -45.18 -28.90 1.54
N LEU A 143 -46.36 -29.53 1.55
CA LEU A 143 -47.02 -29.93 2.78
C LEU A 143 -46.42 -31.25 3.27
N LEU A 144 -46.25 -32.19 2.35
CA LEU A 144 -45.68 -33.50 2.67
C LEU A 144 -44.33 -33.32 3.36
N TYR A 145 -43.40 -32.67 2.66
CA TYR A 145 -42.07 -32.43 3.22
C TYR A 145 -42.15 -31.61 4.50
N ASN A 146 -43.27 -30.90 4.68
CA ASN A 146 -43.46 -30.06 5.86
C ASN A 146 -43.74 -30.84 7.15
N ASN A 147 -44.59 -31.87 7.07
CA ASN A 147 -44.92 -32.68 8.25
C ASN A 147 -43.80 -33.68 8.59
N VAL A 148 -43.22 -34.31 7.55
CA VAL A 148 -42.11 -35.23 7.74
C VAL A 148 -40.94 -34.37 8.23
N SER A 149 -41.06 -33.07 7.93
CA SER A 149 -40.08 -32.06 8.27
C SER A 149 -38.68 -32.30 7.69
N ASN A 150 -38.66 -32.50 6.37
CA ASN A 150 -37.41 -32.69 5.62
C ASN A 150 -37.15 -31.32 5.00
N PHE A 151 -36.84 -30.36 5.87
CA PHE A 151 -36.56 -29.00 5.46
C PHE A 151 -35.63 -28.92 4.25
N GLY A 152 -34.80 -29.96 4.09
CA GLY A 152 -33.88 -30.02 2.96
C GLY A 152 -34.62 -29.78 1.65
N ARG A 153 -35.78 -30.42 1.51
CA ARG A 153 -36.58 -30.26 0.30
C ARG A 153 -37.78 -29.32 0.53
N LEU A 154 -38.15 -29.09 1.79
CA LEU A 154 -39.25 -28.18 2.10
C LEU A 154 -38.84 -26.79 1.60
N ALA A 155 -37.59 -26.44 1.90
CA ALA A 155 -37.04 -25.15 1.50
C ALA A 155 -36.80 -25.16 0.00
N SER A 156 -36.27 -26.28 -0.49
CA SER A 156 -36.00 -26.42 -1.91
C SER A 156 -37.26 -26.18 -2.75
N THR A 157 -38.37 -26.84 -2.40
CA THR A 157 -39.61 -26.67 -3.15
C THR A 157 -40.24 -25.29 -2.92
N LEU A 158 -40.11 -24.73 -1.72
CA LEU A 158 -40.66 -23.41 -1.44
C LEU A 158 -40.10 -22.39 -2.43
N VAL A 159 -38.81 -22.53 -2.74
CA VAL A 159 -38.13 -21.65 -3.68
C VAL A 159 -38.71 -21.94 -5.07
N HIS A 160 -38.66 -23.21 -5.45
CA HIS A 160 -39.20 -23.68 -6.72
C HIS A 160 -40.68 -23.26 -6.85
N LEU A 161 -41.20 -22.62 -5.80
CA LEU A 161 -42.58 -22.16 -5.75
C LEU A 161 -42.65 -20.64 -5.61
N GLY A 162 -41.50 -19.99 -5.70
CA GLY A 162 -41.46 -18.54 -5.58
C GLY A 162 -41.83 -17.99 -4.20
N GLU A 163 -41.91 -18.87 -3.20
CA GLU A 163 -42.23 -18.43 -1.84
C GLU A 163 -40.90 -18.25 -1.10
N TYR A 164 -40.07 -17.37 -1.66
CA TYR A 164 -38.73 -17.07 -1.15
C TYR A 164 -38.60 -16.87 0.34
N GLN A 165 -39.06 -15.73 0.86
CA GLN A 165 -38.93 -15.48 2.29
C GLN A 165 -39.13 -16.68 3.21
N ALA A 166 -40.09 -17.54 2.89
CA ALA A 166 -40.34 -18.73 3.72
C ALA A 166 -39.28 -19.80 3.45
N ALA A 167 -38.84 -19.88 2.20
CA ALA A 167 -37.83 -20.86 1.81
C ALA A 167 -36.54 -20.62 2.60
N VAL A 168 -36.31 -19.37 2.99
CA VAL A 168 -35.14 -19.02 3.78
C VAL A 168 -35.33 -19.50 5.21
N ASP A 169 -36.58 -19.79 5.57
CA ASP A 169 -36.87 -20.28 6.90
C ASP A 169 -36.56 -21.77 6.90
N GLY A 170 -36.99 -22.45 5.84
CA GLY A 170 -36.74 -23.86 5.73
C GLY A 170 -35.26 -24.17 5.71
N ALA A 171 -34.51 -23.29 5.06
CA ALA A 171 -33.07 -23.46 4.95
C ALA A 171 -32.42 -23.24 6.31
N ARG A 172 -33.08 -22.45 7.16
CA ARG A 172 -32.59 -22.17 8.50
C ARG A 172 -32.75 -23.45 9.30
N LYS A 173 -33.99 -23.95 9.36
CA LYS A 173 -34.30 -25.18 10.08
C LYS A 173 -33.46 -26.32 9.52
N ALA A 174 -33.31 -26.36 8.20
CA ALA A 174 -32.54 -27.41 7.53
C ALA A 174 -31.06 -27.35 7.92
N ASN A 175 -30.63 -26.19 8.40
CA ASN A 175 -29.25 -25.93 8.81
C ASN A 175 -28.19 -26.68 8.01
N SER A 176 -28.23 -26.54 6.69
CA SER A 176 -27.27 -27.20 5.82
C SER A 176 -26.63 -26.22 4.84
N THR A 177 -25.33 -26.36 4.62
CA THR A 177 -24.61 -25.47 3.72
C THR A 177 -25.06 -25.65 2.28
N ARG A 178 -24.86 -26.84 1.72
CA ARG A 178 -25.26 -27.08 0.33
C ARG A 178 -26.70 -26.63 0.11
N THR A 179 -27.44 -26.53 1.21
CA THR A 179 -28.84 -26.10 1.14
C THR A 179 -28.97 -24.58 1.05
N TRP A 180 -28.19 -23.84 1.83
CA TRP A 180 -28.28 -22.38 1.76
C TRP A 180 -27.80 -21.93 0.38
N LYS A 181 -26.95 -22.73 -0.24
CA LYS A 181 -26.46 -22.39 -1.57
C LYS A 181 -27.62 -22.44 -2.59
N GLU A 182 -28.43 -23.49 -2.52
CA GLU A 182 -29.58 -23.61 -3.43
C GLU A 182 -30.50 -22.40 -3.25
N VAL A 183 -30.88 -22.14 -2.01
CA VAL A 183 -31.77 -21.04 -1.66
C VAL A 183 -31.19 -19.66 -1.95
N CYS A 184 -29.95 -19.44 -1.55
CA CYS A 184 -29.30 -18.15 -1.78
C CYS A 184 -29.18 -17.85 -3.26
N PHE A 185 -28.66 -18.82 -4.01
CA PHE A 185 -28.50 -18.65 -5.45
C PHE A 185 -29.83 -18.37 -6.13
N ALA A 186 -30.83 -19.19 -5.86
CA ALA A 186 -32.14 -18.96 -6.45
C ALA A 186 -32.71 -17.61 -5.96
N CYS A 187 -32.59 -17.35 -4.66
CA CYS A 187 -33.06 -16.09 -4.10
C CYS A 187 -32.45 -14.93 -4.89
N VAL A 188 -31.27 -15.16 -5.45
CA VAL A 188 -30.56 -14.16 -6.26
C VAL A 188 -31.26 -14.07 -7.60
N ASP A 189 -31.33 -15.23 -8.27
CA ASP A 189 -31.99 -15.32 -9.57
C ASP A 189 -33.29 -14.53 -9.54
N GLY A 190 -34.05 -14.69 -8.46
CA GLY A 190 -35.32 -13.99 -8.31
C GLY A 190 -35.13 -12.54 -7.91
N LYS A 191 -33.87 -12.11 -7.89
CA LYS A 191 -33.50 -10.75 -7.54
C LYS A 191 -34.04 -10.29 -6.18
N GLU A 192 -34.06 -11.22 -5.22
CA GLU A 192 -34.51 -10.94 -3.85
C GLU A 192 -33.20 -10.81 -3.10
N PHE A 193 -32.78 -9.58 -2.83
CA PHE A 193 -31.50 -9.38 -2.20
C PHE A 193 -31.40 -9.28 -0.69
N ARG A 194 -32.24 -8.48 -0.02
CA ARG A 194 -32.09 -8.41 1.43
C ARG A 194 -32.18 -9.83 1.99
N LEU A 195 -32.88 -10.69 1.24
CA LEU A 195 -33.04 -12.09 1.63
C LEU A 195 -31.77 -12.85 1.24
N ALA A 196 -31.42 -12.80 -0.05
CA ALA A 196 -30.22 -13.48 -0.53
C ALA A 196 -28.98 -13.06 0.23
N GLN A 197 -29.08 -11.97 0.99
CA GLN A 197 -27.96 -11.49 1.78
C GLN A 197 -27.90 -12.24 3.11
N MSE A 198 -28.91 -12.09 3.95
CA MSE A 198 -28.93 -12.80 5.24
C MSE A 198 -28.88 -14.30 4.97
O MSE A 198 -28.48 -15.08 5.83
CB MSE A 198 -30.22 -12.47 6.01
CG MSE A 198 -31.50 -12.95 5.34
SE MSE A 198 -33.02 -12.58 6.30
CE MSE A 198 -33.59 -11.03 5.51
N CYS A 199 -29.27 -14.68 3.76
CA CYS A 199 -29.27 -16.08 3.33
C CYS A 199 -27.93 -16.38 2.65
N GLY A 200 -27.02 -15.40 2.70
CA GLY A 200 -25.71 -15.55 2.09
C GLY A 200 -24.63 -15.43 3.15
N LEU A 201 -24.98 -14.87 4.30
CA LEU A 201 -24.04 -14.71 5.40
C LEU A 201 -23.80 -16.04 6.10
N HIS A 202 -24.53 -17.07 5.68
CA HIS A 202 -24.36 -18.38 6.28
C HIS A 202 -23.35 -19.14 5.45
N ILE A 203 -23.02 -18.60 4.28
CA ILE A 203 -22.07 -19.25 3.36
C ILE A 203 -20.66 -18.65 3.32
N VAL A 204 -20.54 -17.34 3.34
CA VAL A 204 -19.23 -16.68 3.28
C VAL A 204 -18.26 -17.20 4.32
N VAL A 205 -18.77 -17.46 5.53
CA VAL A 205 -17.94 -17.95 6.62
C VAL A 205 -17.23 -19.25 6.27
N HIS A 206 -17.76 -19.96 5.28
CA HIS A 206 -17.18 -21.22 4.85
C HIS A 206 -16.15 -20.99 3.75
N ALA A 207 -14.88 -20.90 4.13
CA ALA A 207 -13.81 -20.68 3.17
C ALA A 207 -13.96 -21.54 1.92
N ASP A 208 -14.20 -22.84 2.12
CA ASP A 208 -14.34 -23.75 0.98
C ASP A 208 -15.49 -23.34 0.07
N GLU A 209 -16.35 -22.44 0.57
CA GLU A 209 -17.51 -21.99 -0.19
C GLU A 209 -17.45 -20.53 -0.69
N LEU A 210 -16.71 -19.68 0.03
CA LEU A 210 -16.61 -18.26 -0.33
C LEU A 210 -16.46 -17.97 -1.82
N GLU A 211 -15.57 -18.69 -2.50
CA GLU A 211 -15.35 -18.46 -3.92
C GLU A 211 -16.60 -18.64 -4.79
N GLU A 212 -17.14 -19.85 -4.86
CA GLU A 212 -18.32 -20.08 -5.68
C GLU A 212 -19.42 -19.05 -5.43
N LEU A 213 -19.57 -18.62 -4.18
CA LEU A 213 -20.59 -17.62 -3.84
C LEU A 213 -20.29 -16.30 -4.52
N ILE A 214 -19.00 -15.95 -4.59
CA ILE A 214 -18.58 -14.70 -5.23
C ILE A 214 -18.62 -14.83 -6.76
N ASN A 215 -18.01 -15.89 -7.28
CA ASN A 215 -18.00 -16.13 -8.72
C ASN A 215 -19.43 -16.16 -9.29
N TYR A 216 -20.40 -16.47 -8.44
CA TYR A 216 -21.79 -16.54 -8.87
C TYR A 216 -22.41 -15.13 -8.92
N TYR A 217 -22.19 -14.34 -7.87
CA TYR A 217 -22.70 -12.96 -7.81
C TYR A 217 -22.00 -12.10 -8.86
N GLN A 218 -20.85 -12.57 -9.35
CA GLN A 218 -20.04 -11.86 -10.34
C GLN A 218 -20.63 -11.95 -11.73
N ASP A 219 -20.71 -13.17 -12.28
CA ASP A 219 -21.26 -13.38 -13.62
C ASP A 219 -22.69 -12.88 -13.78
N ARG A 220 -23.46 -12.84 -12.68
CA ARG A 220 -24.82 -12.34 -12.74
C ARG A 220 -24.69 -10.83 -12.73
N GLY A 221 -23.44 -10.38 -12.68
CA GLY A 221 -23.12 -8.96 -12.70
C GLY A 221 -23.55 -8.16 -11.48
N TYR A 222 -23.97 -8.84 -10.42
CA TYR A 222 -24.41 -8.12 -9.23
C TYR A 222 -23.26 -7.81 -8.28
N PHE A 223 -22.27 -7.09 -8.81
CA PHE A 223 -21.10 -6.71 -8.03
C PHE A 223 -21.48 -5.73 -6.92
N GLU A 224 -22.48 -4.89 -7.18
CA GLU A 224 -22.88 -3.91 -6.19
C GLU A 224 -23.40 -4.52 -4.90
N GLU A 225 -24.24 -5.54 -5.02
CA GLU A 225 -24.81 -6.20 -3.85
C GLU A 225 -23.78 -7.11 -3.18
N LEU A 226 -23.02 -7.85 -3.99
CA LEU A 226 -21.98 -8.73 -3.46
C LEU A 226 -21.10 -8.00 -2.44
N ILE A 227 -20.72 -6.76 -2.78
CA ILE A 227 -19.88 -5.98 -1.89
C ILE A 227 -20.68 -5.32 -0.77
N THR A 228 -22.00 -5.42 -0.83
CA THR A 228 -22.85 -4.80 0.21
C THR A 228 -23.04 -5.82 1.31
N MSE A 229 -22.97 -7.09 0.91
CA MSE A 229 -23.11 -8.22 1.81
C MSE A 229 -21.83 -8.36 2.61
O MSE A 229 -21.85 -8.36 3.84
CB MSE A 229 -23.35 -9.50 1.03
CG MSE A 229 -23.24 -10.77 1.86
SE MSE A 229 -22.80 -12.18 0.83
CE MSE A 229 -24.31 -12.30 -0.24
N LEU A 230 -20.72 -8.48 1.89
CA LEU A 230 -19.42 -8.60 2.54
C LEU A 230 -19.25 -7.43 3.51
N GLU A 231 -19.88 -6.29 3.22
CA GLU A 231 -19.81 -5.13 4.12
C GLU A 231 -20.24 -5.59 5.51
N ALA A 232 -21.34 -6.35 5.58
CA ALA A 232 -21.87 -6.85 6.85
C ALA A 232 -21.11 -8.04 7.41
N ALA A 233 -20.81 -9.01 6.54
CA ALA A 233 -20.08 -10.21 6.93
C ALA A 233 -18.92 -9.86 7.85
N LEU A 234 -18.14 -8.86 7.47
CA LEU A 234 -17.01 -8.44 8.29
C LEU A 234 -17.35 -8.49 9.78
N GLY A 235 -18.58 -8.13 10.13
CA GLY A 235 -18.97 -8.13 11.52
C GLY A 235 -19.04 -9.53 12.11
N LEU A 236 -19.53 -10.48 11.32
CA LEU A 236 -19.68 -11.86 11.75
C LEU A 236 -18.54 -12.40 12.60
N GLU A 237 -18.90 -13.09 13.69
CA GLU A 237 -17.91 -13.68 14.60
C GLU A 237 -16.98 -14.64 13.83
N ARG A 238 -17.54 -15.36 12.86
CA ARG A 238 -16.74 -16.29 12.07
C ARG A 238 -16.16 -15.69 10.78
N ALA A 239 -15.88 -14.39 10.80
CA ALA A 239 -15.32 -13.70 9.62
C ALA A 239 -13.84 -14.02 9.40
N HIS A 240 -13.51 -14.56 8.22
CA HIS A 240 -12.13 -14.93 7.96
C HIS A 240 -11.30 -14.08 6.97
N MSE A 241 -10.07 -14.54 6.77
CA MSE A 241 -9.09 -13.91 5.89
C MSE A 241 -9.67 -13.80 4.47
O MSE A 241 -9.70 -12.71 3.91
CB MSE A 241 -7.81 -14.75 5.88
CG MSE A 241 -6.54 -14.08 5.34
SE MSE A 241 -5.00 -15.00 5.78
CE MSE A 241 -4.79 -14.51 7.63
N GLY A 242 -10.11 -14.92 3.92
CA GLY A 242 -10.67 -14.93 2.57
C GLY A 242 -11.69 -13.85 2.30
N MSE A 243 -12.43 -13.45 3.33
CA MSE A 243 -13.43 -12.40 3.18
C MSE A 243 -12.73 -11.07 3.01
O MSE A 243 -12.85 -10.45 1.96
CB MSE A 243 -14.36 -12.36 4.40
CG MSE A 243 -15.51 -13.35 4.37
SE MSE A 243 -16.39 -13.51 5.98
CE MSE A 243 -16.49 -11.74 6.53
N PHE A 244 -11.98 -10.64 4.02
CA PHE A 244 -11.27 -9.37 3.94
C PHE A 244 -10.44 -9.24 2.65
N THR A 245 -9.75 -10.31 2.27
CA THR A 245 -8.94 -10.29 1.06
C THR A 245 -9.78 -10.01 -0.18
N GLU A 246 -10.97 -10.62 -0.23
CA GLU A 246 -11.89 -10.46 -1.35
C GLU A 246 -12.64 -9.15 -1.41
N LEU A 247 -12.84 -8.54 -0.25
CA LEU A 247 -13.55 -7.27 -0.22
C LEU A 247 -12.60 -6.24 -0.79
N ALA A 248 -11.36 -6.25 -0.28
CA ALA A 248 -10.34 -5.32 -0.75
C ALA A 248 -10.33 -5.39 -2.28
N ILE A 249 -9.95 -6.56 -2.81
CA ILE A 249 -9.91 -6.76 -4.26
C ILE A 249 -11.12 -6.14 -4.96
N LEU A 250 -12.33 -6.49 -4.54
CA LEU A 250 -13.53 -5.93 -5.17
C LEU A 250 -13.45 -4.41 -5.09
N TYR A 251 -13.32 -3.90 -3.87
CA TYR A 251 -13.21 -2.46 -3.62
C TYR A 251 -12.26 -1.76 -4.60
N SER A 252 -11.13 -2.39 -4.90
CA SER A 252 -10.17 -1.79 -5.81
C SER A 252 -10.88 -1.50 -7.13
N LYS A 253 -11.30 -2.55 -7.81
CA LYS A 253 -11.95 -2.38 -9.11
C LYS A 253 -13.45 -2.03 -9.10
N PHE A 254 -13.98 -1.46 -8.00
CA PHE A 254 -15.40 -1.12 -7.97
C PHE A 254 -15.76 -0.06 -6.93
N LYS A 255 -14.79 0.35 -6.13
CA LYS A 255 -14.99 1.37 -5.09
C LYS A 255 -13.62 1.72 -4.52
N PRO A 256 -12.74 2.25 -5.38
CA PRO A 256 -11.38 2.61 -4.96
C PRO A 256 -11.33 3.51 -3.72
N GLN A 257 -12.23 4.48 -3.63
CA GLN A 257 -12.20 5.36 -2.47
C GLN A 257 -12.27 4.57 -1.16
N LYS A 258 -12.99 3.46 -1.13
CA LYS A 258 -13.09 2.67 0.10
C LYS A 258 -11.81 1.81 0.31
N MSE A 259 -11.25 1.33 -0.80
CA MSE A 259 -10.03 0.51 -0.78
C MSE A 259 -8.98 0.92 0.22
O MSE A 259 -8.20 0.09 0.67
CB MSE A 259 -9.38 0.52 -2.17
CG MSE A 259 -7.94 0.08 -2.17
SE MSE A 259 -7.70 -1.71 -2.29
CE MSE A 259 -8.26 -2.24 -0.67
N ARG A 260 -8.94 2.21 0.56
CA ARG A 260 -7.93 2.70 1.51
C ARG A 260 -8.29 2.43 2.96
N GLU A 261 -9.32 3.10 3.46
CA GLU A 261 -9.80 2.95 4.84
C GLU A 261 -9.93 1.48 5.22
N HIS A 262 -10.15 0.63 4.21
CA HIS A 262 -10.27 -0.81 4.41
C HIS A 262 -8.94 -1.40 4.82
N LEU A 263 -7.89 -1.16 4.03
CA LEU A 263 -6.56 -1.66 4.37
C LEU A 263 -6.13 -0.99 5.67
N GLU A 264 -6.58 0.25 5.86
CA GLU A 264 -6.27 1.00 7.05
C GLU A 264 -6.65 0.23 8.32
N LEU A 265 -7.71 -0.58 8.25
CA LEU A 265 -8.19 -1.33 9.42
C LEU A 265 -7.89 -2.83 9.38
N PHE A 266 -8.06 -3.44 8.21
CA PHE A 266 -7.88 -4.87 8.05
C PHE A 266 -6.71 -5.30 7.17
N TRP A 267 -5.57 -4.61 7.25
CA TRP A 267 -4.45 -4.99 6.39
C TRP A 267 -3.76 -6.24 6.94
N SER A 268 -3.99 -6.47 8.23
CA SER A 268 -3.41 -7.59 8.95
C SER A 268 -4.18 -8.89 8.74
N ARG A 269 -5.48 -8.75 8.49
CA ARG A 269 -6.36 -9.91 8.28
C ARG A 269 -6.62 -10.18 6.80
N VAL A 270 -5.59 -10.02 5.97
CA VAL A 270 -5.73 -10.24 4.53
C VAL A 270 -4.46 -10.76 3.84
N ASN A 271 -4.64 -11.55 2.78
CA ASN A 271 -3.51 -12.09 2.01
C ASN A 271 -2.93 -10.87 1.28
N ILE A 272 -1.80 -10.36 1.77
CA ILE A 272 -1.20 -9.17 1.16
C ILE A 272 -0.75 -9.30 -0.29
N PRO A 273 0.01 -10.33 -0.61
CA PRO A 273 0.44 -10.47 -2.01
C PRO A 273 -0.72 -10.34 -3.00
N LYS A 274 -1.85 -10.99 -2.72
CA LYS A 274 -2.97 -10.92 -3.64
C LYS A 274 -3.55 -9.50 -3.72
N VAL A 275 -3.72 -8.85 -2.57
CA VAL A 275 -4.26 -7.50 -2.54
C VAL A 275 -3.34 -6.51 -3.25
N LEU A 276 -2.04 -6.78 -3.25
CA LEU A 276 -1.09 -5.89 -3.94
C LEU A 276 -1.35 -6.01 -5.44
N ARG A 277 -1.13 -7.21 -5.98
CA ARG A 277 -1.33 -7.47 -7.41
C ARG A 277 -2.68 -6.87 -7.87
N ALA A 278 -3.56 -6.59 -6.90
CA ALA A 278 -4.88 -6.04 -7.16
C ALA A 278 -4.93 -4.51 -7.21
N ALA A 279 -3.97 -3.85 -6.55
CA ALA A 279 -3.89 -2.39 -6.55
C ALA A 279 -2.90 -2.01 -7.65
N GLU A 280 -2.00 -2.93 -7.94
CA GLU A 280 -1.01 -2.76 -8.99
C GLU A 280 -1.83 -2.66 -10.27
N GLN A 281 -2.75 -3.60 -10.42
CA GLN A 281 -3.61 -3.65 -11.59
C GLN A 281 -4.63 -2.48 -11.58
N ALA A 282 -4.90 -1.92 -10.41
CA ALA A 282 -5.85 -0.83 -10.27
C ALA A 282 -5.21 0.55 -10.08
N HIS A 283 -3.90 0.63 -10.30
CA HIS A 283 -3.15 1.89 -10.15
C HIS A 283 -3.58 2.74 -8.95
N LEU A 284 -3.58 2.12 -7.76
CA LEU A 284 -3.96 2.79 -6.52
C LEU A 284 -2.71 3.10 -5.69
N TRP A 285 -1.70 3.57 -6.40
CA TRP A 285 -0.39 3.94 -5.87
C TRP A 285 -0.30 4.33 -4.40
N ALA A 286 -1.17 5.23 -3.94
CA ALA A 286 -1.13 5.65 -2.54
C ALA A 286 -1.24 4.44 -1.60
N GLU A 287 -2.19 3.57 -1.88
CA GLU A 287 -2.42 2.35 -1.09
C GLU A 287 -1.27 1.37 -1.26
N LEU A 288 -0.90 1.13 -2.52
CA LEU A 288 0.21 0.23 -2.83
C LEU A 288 1.40 0.49 -1.90
N VAL A 289 1.75 1.76 -1.70
CA VAL A 289 2.85 2.10 -0.82
C VAL A 289 2.53 1.63 0.59
N PHE A 290 1.31 1.92 1.03
CA PHE A 290 0.86 1.51 2.34
C PHE A 290 1.18 0.06 2.63
N LEU A 291 0.69 -0.83 1.77
CA LEU A 291 0.93 -2.26 1.93
C LEU A 291 2.41 -2.61 1.75
N TYR A 292 3.00 -2.19 0.63
CA TYR A 292 4.42 -2.44 0.39
C TYR A 292 5.19 -2.12 1.65
N ASP A 293 4.70 -1.11 2.36
CA ASP A 293 5.27 -0.65 3.60
C ASP A 293 5.09 -1.76 4.64
N LYS A 294 3.84 -2.05 4.97
CA LYS A 294 3.49 -3.07 5.95
C LYS A 294 4.12 -4.43 5.63
N TYR A 295 4.01 -4.87 4.38
CA TYR A 295 4.58 -6.15 3.96
C TYR A 295 6.11 -6.08 4.01
N GLU A 296 6.61 -4.97 4.54
CA GLU A 296 8.04 -4.73 4.65
C GLU A 296 8.82 -4.89 3.35
N GLU A 297 8.19 -4.53 2.24
CA GLU A 297 8.83 -4.58 0.93
C GLU A 297 9.23 -3.15 0.57
N TYR A 298 9.99 -2.54 1.48
CA TYR A 298 10.48 -1.16 1.38
C TYR A 298 11.02 -0.69 0.03
N ASP A 299 11.91 -1.48 -0.58
CA ASP A 299 12.45 -1.08 -1.88
C ASP A 299 11.30 -0.74 -2.82
N ASN A 300 10.22 -1.51 -2.76
CA ASN A 300 9.07 -1.28 -3.63
C ASN A 300 8.26 -0.04 -3.26
N ALA A 301 8.12 0.21 -1.97
CA ALA A 301 7.37 1.39 -1.52
C ALA A 301 8.06 2.63 -2.06
N ILE A 302 9.39 2.64 -1.99
CA ILE A 302 10.17 3.77 -2.48
C ILE A 302 10.07 3.86 -4.00
N ILE A 303 10.42 2.80 -4.71
CA ILE A 303 10.32 2.86 -6.16
C ILE A 303 8.95 3.40 -6.56
N THR A 304 7.90 2.98 -5.85
CA THR A 304 6.55 3.44 -6.18
C THR A 304 6.29 4.92 -5.87
N MSE A 305 6.74 5.38 -4.71
CA MSE A 305 6.54 6.77 -4.35
C MSE A 305 7.31 7.65 -5.34
O MSE A 305 6.98 8.83 -5.52
CB MSE A 305 7.09 7.07 -2.96
CG MSE A 305 6.40 6.37 -1.82
SE MSE A 305 7.14 6.84 -0.23
CE MSE A 305 6.17 8.34 0.22
N MSE A 306 8.33 7.08 -5.97
CA MSE A 306 9.16 7.80 -6.93
C MSE A 306 8.65 7.88 -8.36
O MSE A 306 9.01 8.79 -9.08
CB MSE A 306 10.57 7.22 -6.93
CG MSE A 306 11.60 8.20 -6.38
SE MSE A 306 13.21 7.42 -6.04
CE MSE A 306 13.48 6.42 -7.62
N ASN A 307 7.80 6.94 -8.77
CA ASN A 307 7.26 6.99 -10.14
C ASN A 307 5.86 7.61 -10.16
N HIS A 308 5.22 7.64 -8.99
CA HIS A 308 3.87 8.18 -8.86
C HIS A 308 3.87 9.10 -7.66
N PRO A 309 4.68 10.15 -7.70
CA PRO A 309 4.79 11.11 -6.61
C PRO A 309 3.49 11.79 -6.22
N THR A 310 2.81 12.39 -7.19
CA THR A 310 1.57 13.08 -6.88
C THR A 310 0.76 12.24 -5.88
N ASP A 311 0.39 11.01 -6.27
CA ASP A 311 -0.39 10.10 -5.42
C ASP A 311 0.34 9.67 -4.15
N ALA A 312 1.24 8.71 -4.34
CA ALA A 312 2.03 8.08 -3.28
C ALA A 312 2.94 8.94 -2.42
N TRP A 313 3.95 9.55 -3.04
CA TRP A 313 4.94 10.35 -2.32
C TRP A 313 4.45 11.27 -1.21
N LYS A 314 5.12 11.15 -0.06
CA LYS A 314 4.86 11.93 1.14
C LYS A 314 6.24 12.19 1.77
N GLU A 315 6.60 13.46 1.91
CA GLU A 315 7.89 13.86 2.47
C GLU A 315 8.35 13.07 3.68
N GLY A 316 7.53 13.06 4.71
CA GLY A 316 7.86 12.37 5.94
C GLY A 316 8.15 10.89 5.83
N GLN A 317 7.19 10.13 5.31
CA GLN A 317 7.40 8.70 5.21
C GLN A 317 8.50 8.31 4.23
N PHE A 318 8.83 9.19 3.28
CA PHE A 318 9.91 8.84 2.37
C PHE A 318 11.21 8.81 3.18
N LYS A 319 11.33 9.75 4.14
CA LYS A 319 12.52 9.80 4.98
C LYS A 319 12.58 8.68 6.02
N ASP A 320 11.50 7.91 6.13
CA ASP A 320 11.47 6.80 7.08
C ASP A 320 11.67 5.47 6.38
N ILE A 321 11.06 5.31 5.20
CA ILE A 321 11.23 4.07 4.47
C ILE A 321 12.62 4.00 3.81
N ILE A 322 12.97 5.02 3.06
CA ILE A 322 14.27 5.05 2.36
C ILE A 322 15.36 4.33 3.14
N THR A 323 15.41 4.55 4.44
CA THR A 323 16.40 3.92 5.30
C THR A 323 16.32 2.39 5.17
N LYS A 324 15.17 1.83 5.52
CA LYS A 324 14.97 0.38 5.46
C LYS A 324 15.42 -0.23 4.11
N VAL A 325 15.37 0.55 3.05
CA VAL A 325 15.75 0.05 1.72
C VAL A 325 16.94 -0.90 1.81
N ALA A 326 16.93 -1.93 0.95
CA ALA A 326 17.99 -2.93 0.91
C ALA A 326 19.01 -2.57 -0.14
N ASN A 327 18.53 -2.36 -1.36
CA ASN A 327 19.39 -2.00 -2.47
C ASN A 327 19.79 -0.53 -2.37
N VAL A 328 20.94 -0.28 -1.72
CA VAL A 328 21.48 1.07 -1.51
C VAL A 328 21.45 1.97 -2.71
N GLU A 329 21.63 1.40 -3.90
CA GLU A 329 21.60 2.18 -5.12
C GLU A 329 20.42 3.14 -5.11
N LEU A 330 19.28 2.69 -4.59
CA LEU A 330 18.12 3.56 -4.52
C LEU A 330 18.42 4.92 -3.87
N TYR A 331 19.47 4.99 -3.05
CA TYR A 331 19.78 6.27 -2.43
C TYR A 331 20.16 7.26 -3.53
N TYR A 332 21.14 6.86 -4.33
CA TYR A 332 21.64 7.69 -5.42
C TYR A 332 20.54 7.96 -6.43
N ARG A 333 19.59 7.04 -6.52
CA ARG A 333 18.49 7.20 -7.46
C ARG A 333 17.45 8.13 -6.84
N ALA A 334 17.44 8.22 -5.51
CA ALA A 334 16.52 9.10 -4.82
C ALA A 334 17.12 10.49 -4.80
N ILE A 335 18.42 10.58 -4.49
CA ILE A 335 19.12 11.86 -4.46
C ILE A 335 18.78 12.60 -5.75
N GLN A 336 18.96 11.90 -6.87
CA GLN A 336 18.67 12.46 -8.17
C GLN A 336 17.21 12.93 -8.26
N PHE A 337 16.27 12.08 -7.85
CA PHE A 337 14.87 12.46 -7.90
C PHE A 337 14.61 13.76 -7.12
N TYR A 338 14.94 13.76 -5.83
CA TYR A 338 14.73 14.92 -5.00
C TYR A 338 15.42 16.15 -5.57
N LEU A 339 16.62 15.95 -6.09
CA LEU A 339 17.40 17.05 -6.64
C LEU A 339 16.76 17.73 -7.85
N GLU A 340 16.16 16.94 -8.72
CA GLU A 340 15.54 17.44 -9.93
C GLU A 340 14.12 17.97 -9.75
N PHE A 341 13.37 17.46 -8.77
CA PHE A 341 11.99 17.92 -8.57
C PHE A 341 11.65 18.43 -7.16
N LYS A 342 12.57 18.28 -6.21
CA LYS A 342 12.36 18.73 -4.81
C LYS A 342 13.67 19.18 -4.14
N PRO A 343 14.22 20.31 -4.60
CA PRO A 343 15.47 20.90 -4.11
C PRO A 343 15.56 21.22 -2.63
N LEU A 344 14.54 21.85 -2.07
CA LEU A 344 14.60 22.21 -0.65
C LEU A 344 14.63 21.01 0.30
N LEU A 345 14.10 19.89 -0.14
CA LEU A 345 14.07 18.70 0.69
C LEU A 345 15.32 17.84 0.53
N LEU A 346 16.14 18.14 -0.47
CA LEU A 346 17.34 17.36 -0.74
C LEU A 346 18.35 17.28 0.40
N ASN A 347 18.47 18.36 1.18
CA ASN A 347 19.44 18.35 2.26
C ASN A 347 18.99 17.49 3.41
N ASP A 348 17.76 17.70 3.87
CA ASP A 348 17.21 16.94 4.99
C ASP A 348 17.14 15.45 4.63
N LEU A 349 17.06 15.16 3.34
CA LEU A 349 17.01 13.78 2.85
C LEU A 349 18.41 13.23 2.86
N LEU A 350 19.36 14.08 2.50
CA LEU A 350 20.75 13.66 2.49
C LEU A 350 21.19 13.32 3.89
N MSE A 351 20.70 14.09 4.87
CA MSE A 351 21.08 13.84 6.26
C MSE A 351 20.72 12.42 6.71
O MSE A 351 21.46 11.78 7.46
CB MSE A 351 20.42 14.86 7.19
CG MSE A 351 20.78 16.31 6.87
SE MSE A 351 22.55 16.73 7.07
CE MSE A 351 22.44 18.08 8.38
N VAL A 352 19.58 11.89 6.23
CA VAL A 352 19.18 10.55 6.63
C VAL A 352 19.92 9.48 5.85
N LEU A 353 20.35 9.81 4.63
CA LEU A 353 21.08 8.87 3.80
C LEU A 353 22.56 8.73 4.22
N SER A 354 23.09 9.76 4.88
CA SER A 354 24.49 9.81 5.33
C SER A 354 25.20 8.50 5.72
N PRO A 355 24.70 7.80 6.75
CA PRO A 355 25.31 6.54 7.22
C PRO A 355 25.70 5.51 6.17
N ARG A 356 24.91 5.39 5.10
CA ARG A 356 25.22 4.39 4.07
C ARG A 356 25.62 5.02 2.74
N LEU A 357 25.64 6.36 2.71
CA LEU A 357 25.97 7.07 1.49
C LEU A 357 27.47 7.19 1.21
N ASP A 358 27.86 6.87 -0.02
CA ASP A 358 29.26 6.98 -0.47
C ASP A 358 29.51 8.46 -0.82
N HIS A 359 29.78 9.26 0.21
CA HIS A 359 30.03 10.69 0.07
C HIS A 359 30.89 11.14 -1.10
N THR A 360 31.94 10.39 -1.40
CA THR A 360 32.79 10.79 -2.51
C THR A 360 31.95 10.66 -3.77
N ARG A 361 31.20 9.56 -3.86
CA ARG A 361 30.34 9.34 -5.01
C ARG A 361 29.27 10.42 -5.07
N ALA A 362 28.76 10.79 -3.89
CA ALA A 362 27.70 11.80 -3.78
C ALA A 362 28.20 13.18 -4.21
N VAL A 363 29.32 13.59 -3.64
CA VAL A 363 29.86 14.88 -3.95
C VAL A 363 30.21 14.96 -5.44
N ASN A 364 30.82 13.92 -5.98
CA ASN A 364 31.15 13.94 -7.40
C ASN A 364 29.92 14.30 -8.23
N TYR A 365 28.82 13.57 -8.02
CA TYR A 365 27.58 13.80 -8.75
C TYR A 365 27.14 15.26 -8.67
N PHE A 366 26.96 15.76 -7.45
CA PHE A 366 26.54 17.13 -7.24
C PHE A 366 27.47 18.13 -7.95
N SER A 367 28.74 17.77 -8.02
CA SER A 367 29.72 18.65 -8.66
C SER A 367 29.54 18.62 -10.18
N LYS A 368 29.48 17.43 -10.76
CA LYS A 368 29.30 17.32 -12.21
C LYS A 368 27.99 18.02 -12.57
N VAL A 369 27.02 17.91 -11.68
CA VAL A 369 25.70 18.52 -11.84
C VAL A 369 25.72 19.98 -11.36
N LYS A 370 26.92 20.49 -11.07
CA LYS A 370 27.09 21.87 -10.60
C LYS A 370 25.96 22.30 -9.65
N GLN A 371 25.86 21.61 -8.53
CA GLN A 371 24.81 21.88 -7.58
C GLN A 371 25.35 22.01 -6.15
N LEU A 372 26.68 21.92 -6.01
CA LEU A 372 27.33 21.98 -4.71
C LEU A 372 26.90 23.10 -3.75
N PRO A 373 26.48 24.27 -4.28
CA PRO A 373 26.08 25.29 -3.31
C PRO A 373 24.83 24.95 -2.54
N LEU A 374 24.00 24.06 -3.13
CA LEU A 374 22.73 23.65 -2.54
C LEU A 374 22.93 22.65 -1.42
N VAL A 375 23.85 21.73 -1.62
CA VAL A 375 24.12 20.71 -0.62
C VAL A 375 25.17 21.14 0.37
N LYS A 376 25.33 22.44 0.56
CA LYS A 376 26.32 22.89 1.50
C LYS A 376 26.08 22.30 2.90
N PRO A 377 24.86 22.50 3.46
CA PRO A 377 24.50 22.00 4.80
C PRO A 377 24.94 20.56 5.04
N TYR A 378 24.80 19.76 3.99
CA TYR A 378 25.16 18.35 4.04
C TYR A 378 26.67 18.22 4.03
N LEU A 379 27.32 19.03 3.21
CA LEU A 379 28.77 18.96 3.12
C LEU A 379 29.36 19.22 4.49
N ARG A 380 28.97 20.31 5.14
CA ARG A 380 29.51 20.57 6.47
C ARG A 380 29.24 19.36 7.36
N SER A 381 28.00 18.87 7.36
CA SER A 381 27.60 17.72 8.17
C SER A 381 28.49 16.49 7.97
N VAL A 382 29.16 16.41 6.84
CA VAL A 382 30.02 15.26 6.54
C VAL A 382 31.52 15.57 6.60
N GLN A 383 31.90 16.77 6.18
CA GLN A 383 33.30 17.15 6.15
C GLN A 383 34.17 16.51 7.22
N ASN A 384 33.61 16.34 8.41
CA ASN A 384 34.36 15.74 9.52
C ASN A 384 34.93 14.34 9.24
N HIS A 385 34.71 13.85 8.01
CA HIS A 385 35.24 12.55 7.60
C HIS A 385 36.59 12.77 6.92
N ASN A 386 37.00 14.04 6.84
CA ASN A 386 38.25 14.45 6.21
C ASN A 386 38.32 13.85 4.82
N ASN A 387 37.17 13.82 4.18
CA ASN A 387 37.05 13.31 2.83
C ASN A 387 37.67 14.35 1.91
N LYS A 388 38.31 13.91 0.83
CA LYS A 388 38.96 14.84 -0.09
C LYS A 388 37.97 15.64 -0.94
N SER A 389 37.26 14.94 -1.81
CA SER A 389 36.28 15.60 -2.67
C SER A 389 35.38 16.51 -1.83
N VAL A 390 35.19 16.16 -0.57
CA VAL A 390 34.36 16.98 0.31
C VAL A 390 35.03 18.31 0.63
N ASN A 391 36.24 18.25 1.17
CA ASN A 391 36.98 19.45 1.51
C ASN A 391 37.18 20.34 0.29
N GLU A 392 37.73 19.76 -0.77
CA GLU A 392 37.98 20.52 -1.99
C GLU A 392 36.67 21.16 -2.44
N SER A 393 35.61 20.38 -2.40
CA SER A 393 34.32 20.89 -2.83
C SER A 393 33.85 21.94 -1.86
N LEU A 394 33.94 21.65 -0.57
CA LEU A 394 33.50 22.60 0.44
C LEU A 394 34.28 23.91 0.42
N ASN A 395 35.60 23.82 0.22
CA ASN A 395 36.47 24.98 0.20
C ASN A 395 36.15 25.91 -0.97
N ASN A 396 35.84 25.34 -2.13
CA ASN A 396 35.52 26.16 -3.28
C ASN A 396 34.37 27.07 -2.91
N LEU A 397 33.45 26.56 -2.11
CA LEU A 397 32.30 27.36 -1.67
C LEU A 397 32.74 28.51 -0.80
N PHE A 398 33.47 28.23 0.28
CA PHE A 398 33.92 29.32 1.13
C PHE A 398 34.63 30.36 0.27
N ILE A 399 35.32 29.92 -0.76
CA ILE A 399 36.00 30.87 -1.60
C ILE A 399 35.06 31.72 -2.46
N THR A 400 34.15 31.09 -3.19
CA THR A 400 33.25 31.88 -4.04
C THR A 400 32.35 32.78 -3.19
N GLU A 401 32.21 32.44 -1.93
CA GLU A 401 31.38 33.25 -1.07
C GLU A 401 32.28 34.01 -0.11
N GLU A 402 33.46 34.36 -0.62
CA GLU A 402 34.46 35.11 0.13
C GLU A 402 34.50 34.88 1.64
N ASP A 403 34.18 33.66 2.08
CA ASP A 403 34.21 33.35 3.50
C ASP A 403 35.59 32.81 3.86
N TYR A 404 36.54 33.70 4.16
CA TYR A 404 37.91 33.27 4.48
C TYR A 404 38.08 32.66 5.88
N GLN A 405 37.32 33.15 6.86
CA GLN A 405 37.45 32.60 8.19
C GLN A 405 37.07 31.13 8.14
N ALA A 406 36.01 30.84 7.41
CA ALA A 406 35.55 29.46 7.28
C ALA A 406 36.59 28.63 6.55
N LEU A 407 37.21 29.22 5.52
CA LEU A 407 38.23 28.51 4.76
C LEU A 407 39.42 28.19 5.64
N ARG A 408 39.84 29.17 6.43
CA ARG A 408 40.96 28.97 7.33
C ARG A 408 40.72 27.70 8.17
N THR A 409 39.65 27.73 8.95
CA THR A 409 39.30 26.60 9.80
C THR A 409 39.25 25.27 9.03
N SER A 410 38.67 25.30 7.83
CA SER A 410 38.57 24.06 7.06
C SER A 410 39.94 23.49 6.72
N ILE A 411 40.86 24.34 6.29
CA ILE A 411 42.19 23.85 5.94
C ILE A 411 43.02 23.66 7.19
N ASP A 412 42.41 23.90 8.34
CA ASP A 412 43.09 23.75 9.62
C ASP A 412 42.61 22.46 10.30
N ALA A 413 41.30 22.24 10.30
CA ALA A 413 40.74 21.05 10.92
C ALA A 413 40.86 19.83 10.00
N TYR A 414 40.63 19.99 8.69
CA TYR A 414 40.73 18.85 7.78
C TYR A 414 41.81 19.06 6.72
N ASP A 415 42.76 18.14 6.65
CA ASP A 415 43.90 18.28 5.75
C ASP A 415 43.94 17.51 4.42
N ASN A 416 42.87 16.80 4.08
CA ASN A 416 42.90 16.05 2.84
C ASN A 416 42.53 16.92 1.64
N PHE A 417 43.52 17.60 1.06
CA PHE A 417 43.27 18.48 -0.08
C PHE A 417 44.59 18.95 -0.69
N ASP A 418 44.55 19.41 -1.93
CA ASP A 418 45.77 19.86 -2.59
C ASP A 418 46.11 21.32 -2.25
N ASN A 419 46.91 21.53 -1.20
CA ASN A 419 47.27 22.87 -0.76
C ASN A 419 47.97 23.72 -1.81
N ILE A 420 48.87 23.11 -2.58
CA ILE A 420 49.57 23.87 -3.61
C ILE A 420 48.58 24.39 -4.65
N SER A 421 47.65 23.53 -5.06
CA SER A 421 46.66 23.97 -6.04
C SER A 421 45.93 25.16 -5.43
N LEU A 422 45.43 24.97 -4.21
CA LEU A 422 44.70 26.03 -3.52
C LEU A 422 45.60 27.25 -3.42
N ALA A 423 46.78 27.01 -2.86
CA ALA A 423 47.79 28.04 -2.70
C ALA A 423 47.91 28.85 -3.97
N GLN A 424 48.16 28.16 -5.08
CA GLN A 424 48.32 28.82 -6.36
C GLN A 424 47.10 29.59 -6.81
N ARG A 425 45.93 28.96 -6.59
CA ARG A 425 44.66 29.54 -6.94
C ARG A 425 44.45 30.81 -6.12
N LEU A 426 44.75 30.76 -4.82
CA LEU A 426 44.57 31.91 -3.94
C LEU A 426 45.60 33.04 -4.06
N GLU A 427 46.87 32.71 -4.33
CA GLU A 427 47.89 33.75 -4.46
C GLU A 427 47.45 34.79 -5.50
N LYS A 428 46.44 34.47 -6.30
CA LYS A 428 45.98 35.38 -7.36
C LYS A 428 44.70 36.12 -6.99
N HIS A 429 44.14 35.77 -5.83
CA HIS A 429 42.88 36.38 -5.37
C HIS A 429 43.05 37.87 -5.08
N GLU A 430 42.02 38.65 -5.33
CA GLU A 430 42.14 40.08 -5.07
C GLU A 430 41.93 40.45 -3.60
N LEU A 431 41.33 39.57 -2.81
CA LEU A 431 41.10 39.89 -1.41
C LEU A 431 42.30 39.53 -0.57
N ILE A 432 42.74 40.50 0.24
CA ILE A 432 43.90 40.33 1.12
C ILE A 432 43.81 39.14 2.06
N GLU A 433 42.61 38.88 2.56
CA GLU A 433 42.48 37.78 3.50
C GLU A 433 42.82 36.48 2.83
N PHE A 434 42.56 36.38 1.53
CA PHE A 434 42.87 35.17 0.81
C PHE A 434 44.32 35.08 0.39
N ARG A 435 44.86 36.19 -0.13
CA ARG A 435 46.24 36.23 -0.53
C ARG A 435 47.12 35.89 0.66
N ARG A 436 46.66 36.22 1.85
CA ARG A 436 47.41 35.91 3.06
C ARG A 436 47.36 34.40 3.31
N ILE A 437 46.20 33.80 2.98
CA ILE A 437 46.02 32.38 3.17
C ILE A 437 46.93 31.64 2.23
N ALA A 438 46.98 32.09 0.99
CA ALA A 438 47.84 31.45 0.00
C ALA A 438 49.26 31.37 0.56
N ALA A 439 49.74 32.49 1.07
CA ALA A 439 51.07 32.54 1.64
C ALA A 439 51.20 31.50 2.75
N TYR A 440 50.17 31.43 3.58
CA TYR A 440 50.16 30.47 4.68
C TYR A 440 50.22 29.03 4.16
N LEU A 441 49.51 28.75 3.06
CA LEU A 441 49.48 27.43 2.43
C LEU A 441 50.86 27.04 1.91
N PHE A 442 51.49 27.95 1.18
CA PHE A 442 52.81 27.68 0.65
C PHE A 442 53.82 27.36 1.74
N LYS A 443 53.77 28.09 2.85
CA LYS A 443 54.71 27.84 3.95
C LYS A 443 54.57 26.43 4.56
N GLY A 444 55.27 26.17 5.57
#